data_9JIQ
#
_entry.id   9JIQ
#
_cell.length_a   43.956
_cell.length_b   84.008
_cell.length_c   65.551
_cell.angle_alpha   90.00
_cell.angle_beta   90.00
_cell.angle_gamma   90.00
#
_symmetry.space_group_name_H-M   'P 21 21 2'
#
loop_
_entity.id
_entity.type
_entity.pdbx_description
1 polymer Transthyretin
2 non-polymer bromoxynil
3 water water
#
_entity_poly.entity_id   1
_entity_poly.type   'polypeptide(L)'
_entity_poly.pdbx_seq_one_letter_code
;MRGSHHHHHHGSMASHRLLLLCLAGLVFVSEAGPTGTGESKCPLMVKVLDAVRGSPAINVAMHVFRKAADDTWEPFASGK
TSESGELHGLTTEEEFVEGIYKVEIDTKSYWKALGISPFHEHAEVVFTANDSGPRRYTIAALLSPYSYSTTAVVTNPKE
;
_entity_poly.pdbx_strand_id   A,B
#
loop_
_chem_comp.id
_chem_comp.type
_chem_comp.name
_chem_comp.formula
A1L36 non-polymer bromoxynil 'C7 H3 Br2 N O'
#
# COMPACT_ATOMS: atom_id res chain seq x y z
N CYS A 42 -15.10 10.54 -16.19
CA CYS A 42 -13.90 9.91 -15.64
C CYS A 42 -14.05 9.77 -14.12
N PRO A 43 -14.69 8.69 -13.69
CA PRO A 43 -14.91 8.52 -12.24
C PRO A 43 -13.71 7.97 -11.49
N LEU A 44 -12.69 7.47 -12.18
CA LEU A 44 -11.51 6.93 -11.52
C LEU A 44 -10.29 7.34 -12.33
N MET A 45 -9.37 8.08 -11.71
CA MET A 45 -8.11 8.47 -12.34
C MET A 45 -6.99 8.19 -11.36
N VAL A 46 -5.86 7.70 -11.87
CA VAL A 46 -4.69 7.43 -11.03
C VAL A 46 -3.53 8.25 -11.55
N LYS A 47 -2.83 8.95 -10.64
CA LYS A 47 -1.73 9.84 -10.98
C LYS A 47 -0.50 9.41 -10.19
N VAL A 48 0.64 9.27 -10.87
CA VAL A 48 1.83 8.74 -10.22
C VAL A 48 2.97 9.73 -10.42
N LEU A 49 3.64 10.10 -9.33
CA LEU A 49 4.72 11.09 -9.34
C LEU A 49 6.01 10.47 -8.81
N ASP A 50 7.13 10.95 -9.35
CA ASP A 50 8.47 10.49 -9.02
C ASP A 50 9.10 11.54 -8.11
N ALA A 51 9.32 11.19 -6.85
CA ALA A 51 9.84 12.15 -5.89
C ALA A 51 11.36 12.29 -5.95
N VAL A 52 12.04 11.48 -6.73
CA VAL A 52 13.49 11.59 -6.89
C VAL A 52 13.83 12.61 -7.97
N ARG A 53 13.16 12.52 -9.11
CA ARG A 53 13.39 13.42 -10.23
C ARG A 53 12.47 14.62 -10.23
N GLY A 54 11.40 14.60 -9.43
CA GLY A 54 10.42 15.67 -9.46
C GLY A 54 9.68 15.72 -10.79
N SER A 55 9.07 14.61 -11.17
CA SER A 55 8.47 14.53 -12.49
C SER A 55 7.32 13.55 -12.45
N PRO A 56 6.40 13.62 -13.41
CA PRO A 56 5.43 12.53 -13.57
C PRO A 56 6.17 11.21 -13.72
N ALA A 57 5.57 10.15 -13.18
CA ALA A 57 6.07 8.80 -13.39
C ALA A 57 5.36 8.25 -14.63
N ILE A 58 6.09 8.16 -15.74
CA ILE A 58 5.54 7.83 -17.04
C ILE A 58 5.63 6.33 -17.25
N ASN A 59 4.64 5.78 -17.98
CA ASN A 59 4.66 4.38 -18.41
CA ASN A 59 4.65 4.39 -18.41
C ASN A 59 4.61 3.42 -17.23
N VAL A 60 3.93 3.81 -16.16
CA VAL A 60 3.79 2.95 -15.00
C VAL A 60 2.53 2.11 -15.16
N ALA A 61 2.68 0.79 -15.12
CA ALA A 61 1.56 -0.11 -15.32
C ALA A 61 0.78 -0.31 -14.02
N MET A 62 -0.52 -0.54 -14.16
CA MET A 62 -1.32 -0.86 -13.01
C MET A 62 -2.51 -1.72 -13.42
N HIS A 63 -2.99 -2.52 -12.46
CA HIS A 63 -4.13 -3.40 -12.67
C HIS A 63 -5.12 -3.15 -11.55
N VAL A 64 -6.40 -3.03 -11.91
CA VAL A 64 -7.49 -2.71 -10.98
C VAL A 64 -8.41 -3.92 -10.89
N PHE A 65 -8.82 -4.25 -9.67
CA PHE A 65 -9.70 -5.37 -9.41
C PHE A 65 -10.89 -4.88 -8.61
N ARG A 66 -11.99 -5.63 -8.68
CA ARG A 66 -13.15 -5.36 -7.84
C ARG A 66 -13.49 -6.63 -7.09
N LYS A 67 -13.76 -6.50 -5.80
CA LYS A 67 -14.10 -7.67 -5.00
C LYS A 67 -15.43 -8.23 -5.44
N ALA A 68 -15.46 -9.53 -5.73
CA ALA A 68 -16.69 -10.17 -6.16
C ALA A 68 -17.53 -10.58 -4.96
N ALA A 69 -18.78 -10.98 -5.24
CA ALA A 69 -19.68 -11.41 -4.17
C ALA A 69 -19.11 -12.56 -3.36
N ASP A 70 -18.21 -13.34 -3.94
CA ASP A 70 -17.65 -14.52 -3.28
C ASP A 70 -16.28 -14.25 -2.65
N ASP A 71 -15.93 -12.99 -2.42
CA ASP A 71 -14.66 -12.52 -1.83
C ASP A 71 -13.47 -12.60 -2.79
N THR A 72 -13.67 -12.97 -4.04
CA THR A 72 -12.56 -13.06 -4.98
C THR A 72 -12.40 -11.74 -5.73
N TRP A 73 -11.18 -11.50 -6.20
CA TRP A 73 -10.83 -10.27 -6.89
C TRP A 73 -11.08 -10.44 -8.38
N GLU A 74 -12.15 -9.82 -8.87
CA GLU A 74 -12.28 -9.99 -10.31
C GLU A 74 -11.57 -8.85 -11.04
N PRO A 75 -10.88 -9.16 -12.14
CA PRO A 75 -10.18 -8.10 -12.90
C PRO A 75 -11.18 -7.06 -13.37
N PHE A 76 -10.83 -5.80 -13.19
CA PHE A 76 -11.74 -4.70 -13.48
C PHE A 76 -11.25 -3.77 -14.56
N ALA A 77 -9.97 -3.39 -14.56
CA ALA A 77 -9.41 -2.45 -15.53
C ALA A 77 -7.89 -2.49 -15.41
N SER A 78 -7.21 -1.94 -16.41
CA SER A 78 -5.76 -1.83 -16.37
C SER A 78 -5.31 -0.78 -17.37
N GLY A 79 -4.04 -0.44 -17.29
CA GLY A 79 -3.45 0.54 -18.19
C GLY A 79 -2.13 1.03 -17.63
N LYS A 80 -1.58 2.02 -18.32
CA LYS A 80 -0.32 2.63 -17.90
C LYS A 80 -0.43 4.14 -17.93
N THR A 81 0.32 4.80 -17.04
CA THR A 81 0.29 6.25 -16.96
C THR A 81 0.87 6.87 -18.23
N SER A 82 0.35 8.03 -18.58
CA SER A 82 0.77 8.74 -19.78
C SER A 82 1.97 9.63 -19.46
N GLU A 83 2.34 10.48 -20.43
CA GLU A 83 3.43 11.43 -20.24
C GLU A 83 3.21 12.37 -19.06
N SER A 84 1.97 12.59 -18.64
CA SER A 84 1.70 13.45 -17.48
C SER A 84 1.64 12.67 -16.18
N GLY A 85 1.90 11.36 -16.22
CA GLY A 85 1.81 10.52 -15.04
C GLY A 85 0.41 10.11 -14.69
N GLU A 86 -0.57 10.37 -15.56
CA GLU A 86 -1.96 10.11 -15.27
C GLU A 86 -2.48 8.96 -16.13
N LEU A 87 -3.39 8.17 -15.55
CA LEU A 87 -4.08 7.10 -16.24
C LEU A 87 -5.56 7.42 -16.17
N HIS A 88 -6.14 7.79 -17.30
CA HIS A 88 -7.54 8.15 -17.44
C HIS A 88 -8.28 7.01 -18.14
N GLY A 89 -9.60 7.05 -18.05
CA GLY A 89 -10.41 6.12 -18.83
C GLY A 89 -10.44 4.70 -18.34
N LEU A 90 -10.13 4.46 -17.07
CA LEU A 90 -10.18 3.10 -16.55
C LEU A 90 -11.59 2.53 -16.57
N THR A 91 -12.60 3.36 -16.29
CA THR A 91 -13.96 2.85 -16.20
C THR A 91 -14.95 3.94 -16.60
N THR A 92 -16.23 3.64 -16.48
CA THR A 92 -17.31 4.56 -16.78
C THR A 92 -18.22 4.68 -15.57
N GLU A 93 -19.07 5.72 -15.59
CA GLU A 93 -20.00 5.92 -14.48
C GLU A 93 -20.94 4.73 -14.31
N GLU A 94 -21.43 4.17 -15.42
CA GLU A 94 -22.38 3.07 -15.29
C GLU A 94 -21.73 1.80 -14.78
N GLU A 95 -20.46 1.58 -15.13
CA GLU A 95 -19.78 0.37 -14.69
C GLU A 95 -19.27 0.47 -13.27
N PHE A 96 -18.92 1.67 -12.81
CA PHE A 96 -18.21 1.89 -11.55
C PHE A 96 -19.21 1.98 -10.40
N VAL A 97 -19.77 0.83 -10.05
CA VAL A 97 -20.79 0.70 -9.00
C VAL A 97 -20.11 0.60 -7.65
N GLU A 98 -20.88 0.65 -6.56
CA GLU A 98 -20.33 0.40 -5.24
C GLU A 98 -19.51 -0.88 -5.21
N GLY A 99 -18.47 -0.88 -4.41
CA GLY A 99 -17.71 -2.09 -4.19
C GLY A 99 -16.36 -1.76 -3.59
N ILE A 100 -15.61 -2.81 -3.29
CA ILE A 100 -14.24 -2.68 -2.81
C ILE A 100 -13.34 -2.88 -4.02
N TYR A 101 -12.50 -1.89 -4.32
CA TYR A 101 -11.61 -1.93 -5.47
C TYR A 101 -10.17 -1.95 -5.00
N LYS A 102 -9.32 -2.59 -5.80
CA LYS A 102 -7.89 -2.71 -5.51
C LYS A 102 -7.13 -2.25 -6.74
N VAL A 103 -6.20 -1.31 -6.55
CA VAL A 103 -5.30 -0.82 -7.59
C VAL A 103 -3.89 -1.29 -7.25
N GLU A 104 -3.33 -2.15 -8.10
CA GLU A 104 -1.96 -2.64 -7.95
CA GLU A 104 -1.96 -2.62 -7.94
C GLU A 104 -1.08 -1.86 -8.93
N ILE A 105 -0.19 -1.01 -8.40
CA ILE A 105 0.69 -0.19 -9.22
C ILE A 105 2.05 -0.85 -9.29
N ASP A 106 2.55 -1.06 -10.51
CA ASP A 106 3.83 -1.76 -10.70
C ASP A 106 4.99 -0.78 -10.53
N THR A 107 5.23 -0.40 -9.27
CA THR A 107 6.30 0.55 -9.01
C THR A 107 7.68 -0.08 -9.19
N LYS A 108 7.81 -1.38 -8.97
CA LYS A 108 9.12 -2.01 -9.05
C LYS A 108 9.69 -1.91 -10.46
N SER A 109 8.87 -2.18 -11.48
CA SER A 109 9.35 -2.08 -12.85
C SER A 109 9.76 -0.66 -13.20
N TYR A 110 9.03 0.33 -12.68
CA TYR A 110 9.40 1.72 -12.90
C TYR A 110 10.81 2.00 -12.41
N TRP A 111 11.12 1.60 -11.16
CA TRP A 111 12.46 1.83 -10.66
C TRP A 111 13.50 0.95 -11.35
N LYS A 112 13.19 -0.34 -11.57
CA LYS A 112 14.15 -1.22 -12.25
C LYS A 112 14.55 -0.65 -13.60
N ALA A 113 13.58 -0.09 -14.33
CA ALA A 113 13.87 0.50 -15.64
C ALA A 113 14.81 1.70 -15.54
N LEU A 114 14.89 2.32 -14.37
CA LEU A 114 15.91 3.33 -14.10
C LEU A 114 17.15 2.73 -13.45
N GLY A 115 17.20 1.40 -13.36
CA GLY A 115 18.38 0.71 -12.86
C GLY A 115 18.36 0.39 -11.37
N ILE A 116 17.26 0.69 -10.68
CA ILE A 116 17.21 0.68 -9.22
C ILE A 116 16.40 -0.51 -8.74
N SER A 117 16.92 -1.20 -7.72
CA SER A 117 16.13 -2.21 -7.01
C SER A 117 15.46 -1.48 -5.86
N PRO A 118 14.19 -1.15 -6.00
CA PRO A 118 13.51 -0.41 -4.94
C PRO A 118 13.13 -1.35 -3.81
N PHE A 119 12.60 -0.77 -2.75
CA PHE A 119 12.20 -1.58 -1.60
C PHE A 119 10.92 -2.36 -1.88
N HIS A 120 9.88 -1.69 -2.40
CA HIS A 120 8.57 -2.31 -2.52
C HIS A 120 8.45 -3.11 -3.82
N GLU A 121 7.71 -4.22 -3.72
CA GLU A 121 7.38 -5.00 -4.91
C GLU A 121 6.37 -4.30 -5.79
N HIS A 122 5.48 -3.51 -5.18
CA HIS A 122 4.43 -2.77 -5.85
C HIS A 122 3.79 -1.87 -4.81
N ALA A 123 2.85 -1.05 -5.26
CA ALA A 123 2.07 -0.21 -4.37
C ALA A 123 0.60 -0.56 -4.61
N GLU A 124 -0.08 -1.05 -3.58
CA GLU A 124 -1.48 -1.42 -3.67
C GLU A 124 -2.34 -0.39 -2.93
N VAL A 125 -3.46 -0.02 -3.53
CA VAL A 125 -4.46 0.84 -2.88
C VAL A 125 -5.77 0.09 -2.93
N VAL A 126 -6.36 -0.18 -1.76
CA VAL A 126 -7.62 -0.90 -1.63
C VAL A 126 -8.62 -0.01 -0.89
N PHE A 127 -9.80 0.17 -1.48
CA PHE A 127 -10.77 1.12 -0.92
C PHE A 127 -12.19 0.72 -1.30
N THR A 128 -13.16 1.10 -0.45
CA THR A 128 -14.57 1.01 -0.80
C THR A 128 -14.96 2.26 -1.58
N ALA A 129 -15.66 2.08 -2.69
CA ALA A 129 -16.02 3.17 -3.57
C ALA A 129 -17.54 3.32 -3.61
N ASN A 130 -18.01 4.57 -3.64
CA ASN A 130 -19.39 4.91 -3.95
C ASN A 130 -20.38 4.43 -2.89
N ASP A 131 -19.91 4.23 -1.66
CA ASP A 131 -20.77 3.74 -0.59
C ASP A 131 -21.87 4.74 -0.25
N SER A 132 -21.66 6.03 -0.53
CA SER A 132 -22.64 7.06 -0.21
C SER A 132 -23.18 7.74 -1.47
N GLY A 133 -23.10 7.06 -2.61
CA GLY A 133 -23.47 7.65 -3.87
C GLY A 133 -22.27 7.74 -4.78
N PRO A 134 -22.50 8.10 -6.05
CA PRO A 134 -21.41 8.13 -7.02
C PRO A 134 -20.44 9.27 -6.70
N ARG A 135 -19.15 8.96 -6.75
CA ARG A 135 -18.11 9.95 -6.54
C ARG A 135 -17.06 9.80 -7.64
N ARG A 136 -16.27 10.85 -7.82
CA ARG A 136 -15.11 10.82 -8.70
C ARG A 136 -13.86 10.71 -7.83
N TYR A 137 -12.97 9.78 -8.19
CA TYR A 137 -11.81 9.48 -7.36
C TYR A 137 -10.55 9.76 -8.16
N THR A 138 -9.64 10.54 -7.57
CA THR A 138 -8.26 10.60 -8.05
C THR A 138 -7.40 9.92 -6.99
N ILE A 139 -6.65 8.91 -7.39
CA ILE A 139 -5.70 8.24 -6.52
C ILE A 139 -4.32 8.73 -6.94
N ALA A 140 -3.62 9.37 -6.02
CA ALA A 140 -2.28 9.84 -6.31
C ALA A 140 -1.27 8.98 -5.57
N ALA A 141 -0.18 8.63 -6.24
CA ALA A 141 0.88 7.88 -5.60
C ALA A 141 2.17 8.64 -5.82
N LEU A 142 2.88 8.92 -4.73
CA LEU A 142 4.15 9.65 -4.79
C LEU A 142 5.25 8.67 -4.45
N LEU A 143 6.20 8.47 -5.37
CA LEU A 143 7.12 7.34 -5.32
C LEU A 143 8.55 7.78 -5.00
N SER A 144 9.16 7.12 -4.03
CA SER A 144 10.60 7.12 -3.83
C SER A 144 11.04 5.66 -3.76
N PRO A 145 12.33 5.38 -3.95
CA PRO A 145 12.76 3.98 -3.94
C PRO A 145 12.41 3.22 -2.67
N TYR A 146 12.49 3.89 -1.50
CA TYR A 146 12.24 3.23 -0.22
C TYR A 146 11.01 3.76 0.49
N SER A 147 10.15 4.49 -0.22
CA SER A 147 9.00 5.11 0.43
C SER A 147 7.97 5.45 -0.63
N TYR A 148 6.69 5.29 -0.29
CA TYR A 148 5.66 5.88 -1.14
C TYR A 148 4.50 6.36 -0.28
N SER A 149 3.78 7.31 -0.81
CA SER A 149 2.56 7.79 -0.20
C SER A 149 1.44 7.67 -1.20
N THR A 150 0.25 7.41 -0.71
CA THR A 150 -0.90 7.40 -1.59
C THR A 150 -2.03 8.20 -0.95
N THR A 151 -2.68 9.03 -1.74
CA THR A 151 -3.76 9.89 -1.26
C THR A 151 -4.95 9.77 -2.20
N ALA A 152 -6.13 9.94 -1.66
CA ALA A 152 -7.34 9.94 -2.47
C ALA A 152 -7.98 11.31 -2.42
N VAL A 153 -8.35 11.83 -3.58
CA VAL A 153 -9.12 13.06 -3.69
C VAL A 153 -10.47 12.66 -4.25
N VAL A 154 -11.51 12.80 -3.43
CA VAL A 154 -12.83 12.27 -3.73
C VAL A 154 -13.78 13.44 -3.85
N THR A 155 -14.43 13.58 -5.00
CA THR A 155 -15.32 14.72 -5.24
C THR A 155 -16.69 14.26 -5.68
N ASN A 156 -17.65 15.16 -5.55
CA ASN A 156 -19.05 14.87 -5.89
C ASN A 156 -19.47 15.74 -7.06
N PRO A 157 -19.73 15.17 -8.25
CA PRO A 157 -20.09 15.94 -9.44
C PRO A 157 -21.47 16.58 -9.36
N CYS B 42 15.99 -8.11 16.82
CA CYS B 42 14.75 -7.62 16.24
C CYS B 42 14.97 -7.24 14.77
N PRO B 43 14.89 -8.23 13.88
CA PRO B 43 15.12 -7.94 12.45
C PRO B 43 13.95 -7.27 11.76
N LEU B 44 12.75 -7.29 12.31
CA LEU B 44 11.61 -6.66 11.65
C LEU B 44 10.79 -5.95 12.70
N MET B 45 10.61 -4.64 12.54
CA MET B 45 9.78 -3.85 13.43
C MET B 45 8.87 -2.99 12.59
N VAL B 46 7.62 -2.83 13.02
CA VAL B 46 6.67 -1.99 12.31
C VAL B 46 6.22 -0.89 13.26
N LYS B 47 6.21 0.35 12.77
CA LYS B 47 5.87 1.51 13.58
C LYS B 47 4.77 2.27 12.87
N VAL B 48 3.70 2.60 13.59
CA VAL B 48 2.54 3.21 12.97
C VAL B 48 2.23 4.51 13.71
N LEU B 49 2.09 5.60 12.95
CA LEU B 49 1.84 6.93 13.48
C LEU B 49 0.55 7.49 12.91
N ASP B 50 -0.10 8.29 13.73
CA ASP B 50 -1.38 8.93 13.43
C ASP B 50 -1.10 10.39 13.10
N ALA B 51 -1.28 10.77 11.83
CA ALA B 51 -0.96 12.12 11.39
C ALA B 51 -2.06 13.13 11.70
N VAL B 52 -3.21 12.67 12.19
CA VAL B 52 -4.30 13.56 12.59
C VAL B 52 -4.08 14.05 14.02
N ARG B 53 -3.79 13.12 14.93
CA ARG B 53 -3.60 13.45 16.32
C ARG B 53 -2.16 13.72 16.69
N GLY B 54 -1.21 13.39 15.81
CA GLY B 54 0.21 13.53 16.10
C GLY B 54 0.66 12.62 17.23
N SER B 55 0.39 11.32 17.10
CA SER B 55 0.62 10.40 18.20
C SER B 55 0.94 9.04 17.61
N PRO B 56 1.54 8.15 18.38
CA PRO B 56 1.61 6.75 17.95
C PRO B 56 0.21 6.22 17.73
N ALA B 57 0.08 5.33 16.75
CA ALA B 57 -1.19 4.64 16.51
C ALA B 57 -1.14 3.33 17.31
N ILE B 58 -1.95 3.27 18.38
CA ILE B 58 -1.89 2.22 19.38
C ILE B 58 -2.94 1.16 19.05
N ASN B 59 -2.62 -0.10 19.35
N ASN B 59 -2.61 -0.09 19.35
CA ASN B 59 -3.54 -1.22 19.19
CA ASN B 59 -3.52 -1.23 19.19
C ASN B 59 -3.90 -1.47 17.73
C ASN B 59 -3.91 -1.45 17.73
N VAL B 60 -2.99 -1.17 16.82
CA VAL B 60 -3.23 -1.38 15.40
C VAL B 60 -2.82 -2.79 15.06
N ALA B 61 -3.76 -3.60 14.57
CA ALA B 61 -3.47 -4.99 14.27
C ALA B 61 -2.82 -5.11 12.89
N MET B 62 -1.93 -6.09 12.75
CA MET B 62 -1.34 -6.37 11.46
C MET B 62 -1.00 -7.84 11.33
N HIS B 63 -0.99 -8.31 10.09
CA HIS B 63 -0.68 -9.70 9.78
C HIS B 63 0.40 -9.72 8.70
N VAL B 64 1.39 -10.59 8.91
CA VAL B 64 2.56 -10.67 8.04
C VAL B 64 2.56 -12.04 7.36
N PHE B 65 2.86 -12.06 6.06
CA PHE B 65 2.91 -13.27 5.26
C PHE B 65 4.25 -13.34 4.55
N ARG B 66 4.64 -14.55 4.14
CA ARG B 66 5.83 -14.73 3.32
C ARG B 66 5.46 -15.55 2.09
N LYS B 67 5.91 -15.11 0.92
CA LYS B 67 5.58 -15.81 -0.31
C LYS B 67 6.28 -17.17 -0.32
N ALA B 68 5.50 -18.23 -0.49
CA ALA B 68 6.07 -19.58 -0.49
C ALA B 68 6.62 -19.92 -1.87
N ALA B 69 7.26 -21.09 -1.95
CA ALA B 69 7.86 -21.54 -3.20
C ALA B 69 6.82 -21.67 -4.31
N ASP B 70 5.56 -21.93 -3.95
CA ASP B 70 4.49 -22.13 -4.91
C ASP B 70 3.70 -20.86 -5.21
N ASP B 71 4.26 -19.68 -4.92
CA ASP B 71 3.64 -18.36 -5.14
C ASP B 71 2.50 -18.06 -4.17
N THR B 72 2.33 -18.84 -3.11
CA THR B 72 1.26 -18.59 -2.16
C THR B 72 1.81 -17.88 -0.92
N TRP B 73 0.91 -17.16 -0.24
CA TRP B 73 1.25 -16.38 0.95
C TRP B 73 1.11 -17.26 2.19
N GLU B 74 2.24 -17.74 2.70
CA GLU B 74 2.23 -18.46 3.96
C GLU B 74 2.12 -17.46 5.11
N PRO B 75 1.24 -17.70 6.09
CA PRO B 75 1.21 -16.81 7.26
C PRO B 75 2.54 -16.86 7.99
N PHE B 76 3.03 -15.69 8.38
CA PHE B 76 4.38 -15.58 8.94
C PHE B 76 4.43 -15.06 10.36
N ALA B 77 3.70 -13.98 10.67
CA ALA B 77 3.68 -13.39 12.01
C ALA B 77 2.48 -12.46 12.10
N SER B 78 2.15 -12.05 13.33
CA SER B 78 1.11 -11.04 13.53
C SER B 78 1.27 -10.43 14.91
N GLY B 79 0.57 -9.32 15.11
CA GLY B 79 0.60 -8.64 16.39
C GLY B 79 -0.16 -7.34 16.28
N LYS B 80 -0.17 -6.61 17.41
CA LYS B 80 -0.78 -5.29 17.49
C LYS B 80 0.26 -4.31 18.01
N THR B 81 0.22 -3.07 17.52
CA THR B 81 1.17 -2.08 17.99
C THR B 81 0.94 -1.77 19.48
N SER B 82 2.02 -1.42 20.16
CA SER B 82 1.98 -1.11 21.58
C SER B 82 1.64 0.36 21.78
N GLU B 83 1.77 0.83 23.03
CA GLU B 83 1.51 2.23 23.36
C GLU B 83 2.43 3.18 22.61
N SER B 84 3.61 2.72 22.18
CA SER B 84 4.51 3.56 21.40
C SER B 84 4.25 3.50 19.91
N GLY B 85 3.20 2.78 19.49
CA GLY B 85 2.95 2.64 18.06
C GLY B 85 3.82 1.61 17.39
N GLU B 86 4.62 0.87 18.15
CA GLU B 86 5.58 -0.06 17.59
C GLU B 86 5.16 -1.50 17.88
N LEU B 87 5.44 -2.38 16.92
CA LEU B 87 5.24 -3.81 17.08
C LEU B 87 6.60 -4.48 16.90
N HIS B 88 7.15 -5.02 17.98
CA HIS B 88 8.42 -5.70 18.03
C HIS B 88 8.18 -7.20 18.13
N GLY B 89 9.25 -7.97 17.91
CA GLY B 89 9.19 -9.39 18.17
C GLY B 89 8.43 -10.21 17.15
N LEU B 90 8.25 -9.68 15.94
CA LEU B 90 7.53 -10.43 14.91
C LEU B 90 8.27 -11.69 14.50
N THR B 91 9.59 -11.64 14.43
CA THR B 91 10.36 -12.79 13.99
C THR B 91 11.74 -12.77 14.65
N THR B 92 12.57 -13.74 14.27
CA THR B 92 13.94 -13.86 14.76
C THR B 92 14.89 -13.86 13.57
N GLU B 93 16.19 -13.74 13.85
CA GLU B 93 17.17 -13.72 12.77
C GLU B 93 17.19 -15.05 12.03
N GLU B 94 17.06 -16.16 12.77
CA GLU B 94 17.11 -17.48 12.14
C GLU B 94 15.92 -17.69 11.21
N GLU B 95 14.75 -17.21 11.61
CA GLU B 95 13.54 -17.45 10.84
C GLU B 95 13.38 -16.48 9.67
N PHE B 96 13.91 -15.27 9.81
CA PHE B 96 13.69 -14.20 8.84
C PHE B 96 14.71 -14.32 7.69
N VAL B 97 14.49 -15.34 6.86
CA VAL B 97 15.35 -15.65 5.71
C VAL B 97 14.94 -14.77 4.54
N GLU B 98 15.72 -14.81 3.45
CA GLU B 98 15.32 -14.12 2.22
C GLU B 98 13.89 -14.49 1.85
N GLY B 99 13.22 -13.57 1.19
CA GLY B 99 11.90 -13.84 0.64
C GLY B 99 11.16 -12.56 0.41
N ILE B 100 9.97 -12.71 -0.15
CA ILE B 100 9.04 -11.61 -0.33
C ILE B 100 8.03 -11.66 0.81
N TYR B 101 7.91 -10.56 1.55
CA TYR B 101 7.06 -10.48 2.73
C TYR B 101 5.96 -9.46 2.49
N LYS B 102 4.79 -9.70 3.09
CA LYS B 102 3.65 -8.81 2.98
C LYS B 102 3.19 -8.46 4.39
N VAL B 103 3.09 -7.17 4.68
CA VAL B 103 2.56 -6.68 5.95
C VAL B 103 1.22 -6.02 5.63
N GLU B 104 0.14 -6.57 6.20
CA GLU B 104 -1.21 -6.02 6.05
C GLU B 104 -1.58 -5.34 7.36
N ILE B 105 -1.72 -4.03 7.33
CA ILE B 105 -1.98 -3.23 8.53
C ILE B 105 -3.46 -2.86 8.54
N ASP B 106 -4.17 -3.23 9.61
CA ASP B 106 -5.61 -2.98 9.68
C ASP B 106 -5.86 -1.53 10.10
N THR B 107 -5.65 -0.62 9.13
CA THR B 107 -5.86 0.80 9.39
C THR B 107 -7.35 1.14 9.48
N LYS B 108 -8.20 0.37 8.80
CA LYS B 108 -9.63 0.69 8.81
C LYS B 108 -10.20 0.59 10.21
N SER B 109 -9.86 -0.49 10.93
CA SER B 109 -10.37 -0.65 12.29
C SER B 109 -9.83 0.44 13.21
N TYR B 110 -8.60 0.89 12.98
CA TYR B 110 -8.04 1.98 13.77
C TYR B 110 -8.88 3.23 13.63
N TRP B 111 -9.19 3.63 12.39
CA TRP B 111 -9.94 4.86 12.18
C TRP B 111 -11.38 4.73 12.67
N LYS B 112 -12.03 3.59 12.37
CA LYS B 112 -13.41 3.38 12.82
C LYS B 112 -13.52 3.49 14.32
N ALA B 113 -12.56 2.93 15.05
CA ALA B 113 -12.58 3.01 16.50
C ALA B 113 -12.48 4.44 17.01
N LEU B 114 -12.03 5.37 16.17
CA LEU B 114 -11.79 6.75 16.57
C LEU B 114 -12.88 7.71 16.13
N GLY B 115 -13.95 7.22 15.52
CA GLY B 115 -14.98 8.10 15.03
C GLY B 115 -14.73 8.69 13.66
N ILE B 116 -14.04 7.95 12.78
CA ILE B 116 -13.74 8.37 11.41
C ILE B 116 -13.84 7.14 10.51
N SER B 117 -14.51 7.29 9.36
CA SER B 117 -14.61 6.19 8.40
C SER B 117 -13.61 6.42 7.27
N PRO B 118 -12.56 5.64 7.16
CA PRO B 118 -11.42 6.07 6.35
C PRO B 118 -11.58 5.69 4.90
N PHE B 119 -10.63 6.10 4.06
CA PHE B 119 -10.68 5.75 2.65
C PHE B 119 -10.24 4.30 2.43
N HIS B 120 -9.08 3.92 2.97
CA HIS B 120 -8.49 2.63 2.64
C HIS B 120 -9.06 1.51 3.50
N GLU B 121 -9.16 0.32 2.89
CA GLU B 121 -9.58 -0.86 3.63
C GLU B 121 -8.49 -1.33 4.58
N HIS B 122 -7.23 -1.13 4.20
CA HIS B 122 -6.06 -1.50 4.97
C HIS B 122 -4.86 -0.85 4.29
N ALA B 123 -3.69 -1.03 4.87
CA ALA B 123 -2.44 -0.57 4.28
C ALA B 123 -1.52 -1.78 4.15
N GLU B 124 -1.09 -2.07 2.93
CA GLU B 124 -0.29 -3.26 2.65
C GLU B 124 1.11 -2.82 2.24
N VAL B 125 2.12 -3.49 2.76
CA VAL B 125 3.50 -3.23 2.38
C VAL B 125 4.08 -4.57 1.96
N VAL B 126 4.54 -4.65 0.70
CA VAL B 126 5.09 -5.88 0.14
C VAL B 126 6.50 -5.59 -0.33
N PHE B 127 7.46 -6.42 0.11
CA PHE B 127 8.87 -6.11 -0.14
C PHE B 127 9.70 -7.38 -0.14
N THR B 128 10.81 -7.36 -0.90
CA THR B 128 11.81 -8.41 -0.79
C THR B 128 12.75 -8.07 0.37
N ALA B 129 13.09 -9.09 1.15
CA ALA B 129 13.91 -8.92 2.33
C ALA B 129 15.18 -9.75 2.22
N ASN B 130 16.29 -9.20 2.73
CA ASN B 130 17.51 -9.94 2.97
C ASN B 130 18.18 -10.43 1.69
N ASP B 131 17.92 -9.75 0.58
CA ASP B 131 18.50 -10.19 -0.68
C ASP B 131 20.03 -10.05 -0.73
N SER B 132 20.66 -9.33 0.23
CA SER B 132 22.06 -8.97 0.02
C SER B 132 23.04 -8.95 1.21
N GLY B 133 22.85 -9.66 2.34
CA GLY B 133 21.74 -10.44 2.81
C GLY B 133 21.10 -9.86 4.08
N PRO B 134 21.45 -10.36 5.27
CA PRO B 134 20.65 -10.07 6.47
C PRO B 134 20.65 -8.59 6.84
N ARG B 135 19.46 -8.03 6.99
CA ARG B 135 19.29 -6.64 7.37
C ARG B 135 18.25 -6.54 8.47
N ARG B 136 18.24 -5.40 9.14
CA ARG B 136 17.17 -5.03 10.08
C ARG B 136 16.26 -4.03 9.41
N TYR B 137 14.95 -4.28 9.47
CA TYR B 137 13.98 -3.45 8.77
C TYR B 137 13.08 -2.79 9.80
N THR B 138 12.92 -1.47 9.69
CA THR B 138 11.82 -0.78 10.34
C THR B 138 10.89 -0.33 9.23
N ILE B 139 9.63 -0.76 9.31
CA ILE B 139 8.60 -0.31 8.39
C ILE B 139 7.78 0.71 9.14
N ALA B 140 7.76 1.94 8.64
CA ALA B 140 6.97 2.99 9.27
C ALA B 140 5.78 3.29 8.39
N ALA B 141 4.61 3.43 9.00
CA ALA B 141 3.42 3.81 8.28
C ALA B 141 2.86 5.05 8.95
N LEU B 142 2.65 6.10 8.18
CA LEU B 142 2.11 7.36 8.68
C LEU B 142 0.69 7.49 8.13
N LEU B 143 -0.30 7.55 9.03
CA LEU B 143 -1.70 7.35 8.66
C LEU B 143 -2.50 8.65 8.74
N SER B 144 -3.24 8.94 7.68
CA SER B 144 -4.33 9.91 7.69
C SER B 144 -5.56 9.20 7.14
N PRO B 145 -6.76 9.73 7.41
CA PRO B 145 -7.97 9.03 6.95
C PRO B 145 -8.02 8.79 5.45
N TYR B 146 -7.47 9.72 4.64
CA TYR B 146 -7.52 9.59 3.20
C TYR B 146 -6.14 9.48 2.56
N SER B 147 -5.10 9.21 3.35
CA SER B 147 -3.75 9.17 2.81
C SER B 147 -2.88 8.38 3.77
N TYR B 148 -1.96 7.60 3.25
CA TYR B 148 -0.91 7.06 4.10
C TYR B 148 0.40 7.02 3.33
N SER B 149 1.48 7.03 4.09
CA SER B 149 2.79 6.86 3.52
C SER B 149 3.46 5.71 4.26
N THR B 150 4.31 5.00 3.55
CA THR B 150 5.08 3.95 4.19
C THR B 150 6.54 4.07 3.75
N THR B 151 7.44 3.93 4.71
CA THR B 151 8.87 4.04 4.44
C THR B 151 9.58 2.89 5.12
N ALA B 152 10.68 2.47 4.54
CA ALA B 152 11.50 1.42 5.12
C ALA B 152 12.83 2.02 5.53
N VAL B 153 13.27 1.71 6.74
CA VAL B 153 14.59 2.06 7.21
C VAL B 153 15.33 0.76 7.38
N VAL B 154 16.33 0.54 6.53
CA VAL B 154 17.01 -0.74 6.39
C VAL B 154 18.45 -0.55 6.83
N THR B 155 18.87 -1.28 7.87
CA THR B 155 20.23 -1.14 8.38
C THR B 155 20.93 -2.49 8.43
N ASN B 156 22.26 -2.43 8.44
CA ASN B 156 23.11 -3.62 8.46
C ASN B 156 23.82 -3.68 9.80
N PRO B 157 23.51 -4.69 10.65
CA PRO B 157 24.14 -4.81 11.97
C PRO B 157 25.65 -5.07 11.92
CAA A1L36 C . 0.03 16.38 -7.62
CAB A1L36 C . 0.71 16.07 -6.45
CAC A1L36 C . -1.29 15.97 -7.72
CAD A1L36 C . 0.10 15.36 -5.43
CAE A1L36 C . -1.93 15.26 -6.71
CAF A1L36 C . -1.23 14.96 -5.56
CAJ A1L36 C . 0.85 15.04 -4.24
NAK A1L36 C . 1.45 14.79 -3.28
OAG A1L36 C . -1.98 16.28 -8.85
BRAH A1L36 C . -3.70 14.75 -6.91
BRAI A1L36 C . 0.84 17.35 -9.05
CAA A1L36 D . -6.94 -6.52 -15.02
CAB A1L36 D . -8.10 -6.05 -15.62
CAC A1L36 D . -5.85 -6.80 -15.83
CAD A1L36 D . -8.17 -5.85 -16.99
CAE A1L36 D . -5.89 -6.60 -17.20
CAF A1L36 D . -7.05 -6.12 -17.80
CAJ A1L36 D . -9.39 -5.37 -17.59
NAK A1L36 D . -10.35 -4.98 -18.08
OAG A1L36 D . -4.71 -7.25 -15.25
BRAH A1L36 D . -4.37 -6.97 -18.22
BRAI A1L36 D . -6.77 -6.82 -13.17
CAA A1L36 E . 9.35 8.19 12.69
CAB A1L36 E . 8.74 8.54 11.49
CAC A1L36 E . 10.22 7.12 12.73
CAD A1L36 E . 9.04 7.81 10.35
CAE A1L36 E . 10.54 6.38 11.61
CAF A1L36 E . 9.92 6.74 10.41
CAJ A1L36 E . 8.43 8.15 9.08
NAK A1L36 E . 7.95 8.42 8.07
OAG A1L36 E . 10.80 6.80 13.92
BRAH A1L36 E . 11.77 4.92 11.71
BRAI A1L36 E . 8.98 9.13 14.24
CAA A1L36 F . -0.69 -14.53 10.27
CAB A1L36 F . 0.43 -15.13 10.83
CAC A1L36 F . -1.82 -14.37 11.06
CAD A1L36 F . 0.42 -15.55 12.16
CAE A1L36 F . -1.84 -14.78 12.38
CAF A1L36 F . -0.72 -15.37 12.94
CAJ A1L36 F . 1.61 -16.17 12.72
NAK A1L36 F . 2.58 -16.67 13.16
OAG A1L36 F . -2.91 -13.79 10.51
BRAH A1L36 F . -3.40 -14.51 13.37
BRAI A1L36 F . -0.73 -13.96 8.50
#